data_5V1B
#
_entry.id   5V1B
#
_cell.length_a   66.717
_cell.length_b   112.082
_cell.length_c   66.223
_cell.angle_alpha   90.000
_cell.angle_beta   90.000
_cell.angle_gamma   90.000
#
_symmetry.space_group_name_H-M   'C 2 2 21'
#
loop_
_entity.id
_entity.type
_entity.pdbx_description
1 polymer 'Egl nine homolog 2'
2 non-polymer 'SULFATE ION'
3 non-polymer 'FE (III) ION'
4 non-polymer 4-([1,2,4]triazolo[1,5-a]pyridin-5-yl)benzonitrile
5 water water
#
_entity_poly.entity_id   1
_entity_poly.type   'polypeptide(L)'
_entity_poly.pdbx_seq_one_letter_code
;GGSEEALPSAPERLALDYIVPCMRYYGICVVDSFLGAALGGRVLAEVEALKRGGRLRDGQLVSQRAIPPRSIRGDQIAWV
EGHEPGCRSIGALMAHVDAVIRHCAGRLGSYKINGRTKAMVACYPGNGLGYVRHVDNPHGDGRCITCIYYLNQNWDVKVH
GGLLQIFPEGRPVVANIEPLFDRLLIFWSDRRNPHEVKPAYATRYAITVWYFDADERARAKDKYQLASGQKGVQVPVSQP
;
_entity_poly.pdbx_strand_id   A
#
# COMPACT_ATOMS: atom_id res chain seq x y z
N PRO A 8 -6.54 15.32 -21.10
CA PRO A 8 -6.31 14.65 -19.83
C PRO A 8 -7.53 13.84 -19.36
N SER A 9 -7.29 12.58 -19.03
CA SER A 9 -8.29 11.71 -18.39
C SER A 9 -8.28 11.93 -16.87
N ALA A 10 -9.32 11.43 -16.19
CA ALA A 10 -9.47 11.58 -14.72
C ALA A 10 -8.25 11.09 -13.91
N PRO A 11 -7.69 9.89 -14.21
CA PRO A 11 -6.47 9.50 -13.48
C PRO A 11 -5.22 10.33 -13.83
N GLU A 12 -5.17 10.87 -15.04
CA GLU A 12 -4.05 11.74 -15.48
C GLU A 12 -4.10 13.07 -14.74
N ARG A 13 -5.30 13.61 -14.58
CA ARG A 13 -5.54 14.87 -13.90
C ARG A 13 -5.19 14.77 -12.42
N LEU A 14 -5.55 13.64 -11.80
CA LEU A 14 -5.24 13.37 -10.39
C LEU A 14 -3.73 13.29 -10.13
N ALA A 15 -3.01 12.64 -11.06
CA ALA A 15 -1.57 12.49 -10.97
C ALA A 15 -0.85 13.84 -11.09
N LEU A 16 -1.13 14.59 -12.16
CA LEU A 16 -0.37 15.82 -12.49
C LEU A 16 -0.68 17.00 -11.57
N ASP A 17 -1.95 17.14 -11.17
CA ASP A 17 -2.40 18.25 -10.32
C ASP A 17 -2.22 17.98 -8.82
N TYR A 18 -2.10 16.72 -8.44
CA TYR A 18 -2.07 16.35 -7.02
C TYR A 18 -0.96 15.37 -6.59
N ILE A 19 -0.95 14.18 -7.16
CA ILE A 19 -0.02 13.12 -6.71
C ILE A 19 1.47 13.48 -6.92
N VAL A 20 1.82 13.90 -8.14
CA VAL A 20 3.19 14.35 -8.46
C VAL A 20 3.72 15.43 -7.48
N PRO A 21 3.03 16.60 -7.34
CA PRO A 21 3.57 17.61 -6.39
C PRO A 21 3.60 17.14 -4.92
N CYS A 22 2.65 16.31 -4.51
CA CYS A 22 2.67 15.69 -3.18
C CYS A 22 3.89 14.81 -2.95
N MET A 23 4.18 13.95 -3.93
CA MET A 23 5.32 13.04 -3.85
C MET A 23 6.66 13.76 -3.99
N ARG A 24 6.70 14.79 -4.86
CA ARG A 24 7.89 15.64 -5.04
C ARG A 24 8.29 16.34 -3.75
N TYR A 25 7.30 16.87 -3.03
CA TYR A 25 7.56 17.74 -1.89
C TYR A 25 7.55 17.02 -0.53
N TYR A 26 6.51 16.22 -0.27
CA TYR A 26 6.36 15.55 1.03
C TYR A 26 6.77 14.09 1.01
N GLY A 27 6.79 13.51 -0.20
CA GLY A 27 7.03 12.08 -0.38
C GLY A 27 5.90 11.23 0.16
N ILE A 28 4.80 11.88 0.50
CA ILE A 28 3.61 11.24 1.01
C ILE A 28 2.40 11.89 0.31
N CYS A 29 1.44 11.05 -0.09
CA CYS A 29 0.22 11.50 -0.72
C CYS A 29 -0.98 10.66 -0.28
N VAL A 30 -2.06 11.35 0.04
CA VAL A 30 -3.31 10.75 0.50
C VAL A 30 -4.43 11.17 -0.46
N VAL A 31 -5.12 10.18 -1.04
CA VAL A 31 -6.26 10.43 -1.94
C VAL A 31 -7.53 9.78 -1.36
N ASP A 32 -8.46 10.62 -0.93
CA ASP A 32 -9.76 10.16 -0.44
C ASP A 32 -10.79 10.03 -1.56
N SER A 33 -11.75 9.14 -1.34
CA SER A 33 -12.76 8.75 -2.33
C SER A 33 -12.14 8.33 -3.68
N PHE A 34 -11.08 7.52 -3.58
CA PHE A 34 -10.27 7.12 -4.73
C PHE A 34 -11.03 6.30 -5.77
N LEU A 35 -11.87 5.38 -5.28
CA LEU A 35 -12.66 4.51 -6.15
C LEU A 35 -14.17 4.86 -6.17
N GLY A 36 -14.61 5.70 -5.25
CA GLY A 36 -16.03 5.95 -5.02
C GLY A 36 -16.68 4.86 -4.19
N ALA A 37 -17.83 5.18 -3.62
CA ALA A 37 -18.55 4.28 -2.71
C ALA A 37 -18.94 2.93 -3.32
N ALA A 38 -19.34 2.94 -4.61
CA ALA A 38 -19.84 1.74 -5.28
C ALA A 38 -18.78 0.66 -5.50
N LEU A 39 -17.70 1.01 -6.19
CA LEU A 39 -16.60 0.08 -6.47
C LEU A 39 -15.81 -0.25 -5.20
N GLY A 40 -15.61 0.76 -4.35
CA GLY A 40 -14.99 0.59 -3.03
C GLY A 40 -15.74 -0.41 -2.17
N GLY A 41 -17.07 -0.30 -2.21
CA GLY A 41 -17.96 -1.29 -1.58
C GLY A 41 -17.77 -2.68 -2.13
N ARG A 42 -17.67 -2.79 -3.46
CA ARG A 42 -17.40 -4.06 -4.14
C ARG A 42 -16.04 -4.67 -3.80
N VAL A 43 -15.01 -3.83 -3.65
CA VAL A 43 -13.67 -4.28 -3.22
C VAL A 43 -13.74 -4.88 -1.80
N LEU A 44 -14.41 -4.16 -0.89
CA LEU A 44 -14.59 -4.62 0.49
C LEU A 44 -15.33 -5.95 0.56
N ALA A 45 -16.41 -6.07 -0.21
CA ALA A 45 -17.19 -7.31 -0.32
C ALA A 45 -16.30 -8.52 -0.68
N GLU A 46 -15.42 -8.33 -1.67
CA GLU A 46 -14.54 -9.40 -2.15
C GLU A 46 -13.48 -9.80 -1.12
N VAL A 47 -12.90 -8.80 -0.45
CA VAL A 47 -11.90 -9.02 0.61
C VAL A 47 -12.47 -9.85 1.76
N GLU A 48 -13.69 -9.53 2.16
CA GLU A 48 -14.40 -10.24 3.21
C GLU A 48 -14.78 -11.65 2.77
N ALA A 49 -15.14 -11.79 1.49
CA ALA A 49 -15.43 -13.09 0.88
C ALA A 49 -14.18 -13.95 0.80
N LEU A 50 -13.03 -13.31 0.56
CA LEU A 50 -11.74 -13.98 0.63
C LEU A 50 -11.46 -14.42 2.06
N LYS A 51 -11.74 -13.54 3.03
CA LYS A 51 -11.55 -13.84 4.45
C LYS A 51 -12.37 -15.05 4.90
N ARG A 52 -13.64 -15.10 4.47
CA ARG A 52 -14.55 -16.19 4.83
C ARG A 52 -14.21 -17.53 4.16
N GLY A 53 -13.75 -17.49 2.91
CA GLY A 53 -13.32 -18.69 2.19
C GLY A 53 -12.05 -19.33 2.74
N GLY A 54 -11.43 -18.67 3.73
CA GLY A 54 -10.18 -19.12 4.32
C GLY A 54 -9.01 -18.94 3.37
N ARG A 55 -9.02 -17.81 2.65
CA ARG A 55 -8.01 -17.53 1.64
C ARG A 55 -6.90 -16.61 2.11
N LEU A 56 -7.13 -15.91 3.23
CA LEU A 56 -6.09 -15.09 3.87
C LEU A 56 -5.32 -15.92 4.91
N ARG A 57 -4.08 -16.29 4.57
CA ARG A 57 -3.27 -17.21 5.39
C ARG A 57 -2.86 -16.63 6.75
N GLN A 60 1.98 -16.83 10.03
CA GLN A 60 3.05 -17.09 10.98
C GLN A 60 3.17 -15.98 12.02
N LEU A 61 3.23 -16.40 13.29
CA LEU A 61 3.36 -15.49 14.43
C LEU A 61 4.73 -14.83 14.57
N VAL A 62 5.77 -15.65 14.83
CA VAL A 62 7.06 -15.16 15.30
C VAL A 62 8.04 -14.76 14.16
N SER A 63 8.15 -13.45 13.93
CA SER A 63 8.94 -12.81 12.86
C SER A 63 8.77 -13.42 11.46
N PRO A 69 11.48 -5.77 21.12
CA PRO A 69 10.78 -6.55 22.14
C PRO A 69 9.56 -7.30 21.59
N ARG A 70 8.83 -6.64 20.69
CA ARG A 70 7.59 -7.16 20.08
C ARG A 70 7.88 -8.23 19.03
N SER A 71 7.25 -9.40 19.19
CA SER A 71 7.50 -10.56 18.32
C SER A 71 6.25 -11.06 17.57
N ILE A 72 5.11 -11.06 18.25
CA ILE A 72 3.85 -11.64 17.74
C ILE A 72 3.18 -10.72 16.70
N ARG A 73 2.97 -11.25 15.50
CA ARG A 73 2.31 -10.52 14.41
C ARG A 73 0.79 -10.80 14.45
N GLY A 74 0.20 -11.21 13.32
CA GLY A 74 -1.23 -11.49 13.26
C GLY A 74 -1.95 -11.12 11.97
N ASP A 75 -1.20 -10.59 11.00
CA ASP A 75 -1.73 -10.25 9.68
C ASP A 75 -2.14 -11.54 8.97
N GLN A 76 -3.35 -11.52 8.42
CA GLN A 76 -3.81 -12.58 7.54
C GLN A 76 -3.81 -12.01 6.14
N ILE A 77 -3.02 -12.61 5.26
CA ILE A 77 -2.78 -12.02 3.94
C ILE A 77 -3.05 -13.00 2.79
N ALA A 78 -3.37 -12.47 1.62
CA ALA A 78 -3.37 -13.23 0.36
C ALA A 78 -2.80 -12.37 -0.74
N TRP A 79 -2.08 -12.99 -1.67
CA TRP A 79 -1.51 -12.29 -2.82
C TRP A 79 -2.41 -12.49 -4.04
N VAL A 80 -3.01 -11.38 -4.50
CA VAL A 80 -3.98 -11.38 -5.60
C VAL A 80 -3.40 -10.69 -6.85
N GLU A 81 -3.30 -11.46 -7.94
CA GLU A 81 -2.85 -10.97 -9.25
C GLU A 81 -3.91 -10.06 -9.90
N GLY A 82 -5.18 -10.37 -9.72
CA GLY A 82 -6.28 -9.52 -10.18
C GLY A 82 -7.29 -10.18 -11.11
N HIS A 83 -6.91 -11.31 -11.70
CA HIS A 83 -7.77 -11.98 -12.67
C HIS A 83 -8.49 -13.22 -12.12
N GLU A 84 -8.16 -13.61 -10.88
CA GLU A 84 -8.78 -14.73 -10.17
C GLU A 84 -10.29 -14.56 -9.99
N PRO A 85 -11.04 -15.68 -9.81
CA PRO A 85 -12.50 -15.57 -9.56
C PRO A 85 -12.81 -14.85 -8.25
N GLY A 86 -13.72 -13.88 -8.31
CA GLY A 86 -14.10 -13.06 -7.15
C GLY A 86 -13.02 -12.10 -6.69
N CYS A 87 -12.11 -11.75 -7.60
CA CYS A 87 -11.06 -10.76 -7.36
C CYS A 87 -11.05 -9.64 -8.40
N ARG A 88 -12.16 -9.52 -9.13
CA ARG A 88 -12.34 -8.57 -10.23
C ARG A 88 -12.27 -7.11 -9.77
N SER A 89 -12.96 -6.80 -8.67
CA SER A 89 -12.94 -5.46 -8.07
C SER A 89 -11.55 -5.10 -7.53
N ILE A 90 -10.92 -6.06 -6.86
CA ILE A 90 -9.52 -5.92 -6.42
C ILE A 90 -8.62 -5.66 -7.64
N GLY A 91 -8.86 -6.42 -8.72
CA GLY A 91 -8.20 -6.21 -10.01
C GLY A 91 -8.40 -4.81 -10.55
N ALA A 92 -9.65 -4.32 -10.47
CA ALA A 92 -10.02 -2.96 -10.88
C ALA A 92 -9.34 -1.89 -10.01
N LEU A 93 -9.17 -2.15 -8.71
CA LEU A 93 -8.42 -1.25 -7.84
C LEU A 93 -6.99 -1.10 -8.35
N MET A 94 -6.35 -2.24 -8.59
CA MET A 94 -4.97 -2.31 -9.05
C MET A 94 -4.76 -1.55 -10.35
N ALA A 95 -5.72 -1.67 -11.27
CA ALA A 95 -5.70 -0.94 -12.55
C ALA A 95 -5.73 0.59 -12.35
N HIS A 96 -6.58 1.04 -11.43
CA HIS A 96 -6.70 2.45 -11.06
C HIS A 96 -5.45 3.03 -10.40
N VAL A 97 -4.82 2.22 -9.54
CA VAL A 97 -3.57 2.61 -8.88
C VAL A 97 -2.44 2.64 -9.92
N ASP A 98 -2.39 1.60 -10.77
CA ASP A 98 -1.45 1.52 -11.88
C ASP A 98 -1.54 2.73 -12.81
N ALA A 99 -2.76 3.10 -13.20
CA ALA A 99 -3.00 4.24 -14.09
C ALA A 99 -2.42 5.52 -13.51
N VAL A 100 -2.66 5.73 -12.22
CA VAL A 100 -2.17 6.86 -11.46
C VAL A 100 -0.62 6.92 -11.43
N ILE A 101 0.02 5.78 -11.15
CA ILE A 101 1.49 5.63 -11.18
C ILE A 101 2.06 5.82 -12.60
N ARG A 102 1.34 5.30 -13.62
CA ARG A 102 1.70 5.47 -15.04
C ARG A 102 1.83 6.94 -15.39
N HIS A 103 0.85 7.73 -14.95
CA HIS A 103 0.79 9.15 -15.23
C HIS A 103 1.81 10.00 -14.44
N CYS A 104 2.48 9.38 -13.47
CA CYS A 104 3.56 10.02 -12.72
C CYS A 104 4.94 9.82 -13.34
N ALA A 105 5.04 8.90 -14.31
CA ALA A 105 6.32 8.54 -14.96
C ALA A 105 7.09 9.76 -15.45
N GLY A 106 8.38 9.79 -15.12
CA GLY A 106 9.26 10.89 -15.48
C GLY A 106 9.04 12.19 -14.72
N ARG A 107 8.16 12.15 -13.72
CA ARG A 107 7.82 13.34 -12.94
C ARG A 107 8.09 13.14 -11.45
N LEU A 108 8.59 11.95 -11.09
CA LEU A 108 8.94 11.64 -9.70
C LEU A 108 10.45 11.59 -9.44
N GLY A 109 11.23 11.95 -10.46
CA GLY A 109 12.68 11.93 -10.37
C GLY A 109 13.28 10.86 -11.26
N SER A 110 14.34 10.23 -10.77
CA SER A 110 15.11 9.24 -11.54
C SER A 110 14.45 7.85 -11.67
N TYR A 111 13.42 7.60 -10.85
CA TYR A 111 12.73 6.30 -10.76
C TYR A 111 12.12 5.81 -12.07
N LYS A 112 12.58 4.65 -12.53
CA LYS A 112 11.94 3.89 -13.61
C LYS A 112 11.09 2.79 -12.97
N ILE A 113 9.77 2.96 -13.07
CA ILE A 113 8.81 2.00 -12.51
C ILE A 113 8.19 1.19 -13.66
N ASN A 114 8.73 -0.01 -13.83
CA ASN A 114 8.22 -0.95 -14.83
C ASN A 114 7.22 -1.93 -14.23
N GLY A 115 7.44 -2.29 -12.96
CA GLY A 115 6.67 -3.32 -12.32
C GLY A 115 6.33 -3.09 -10.86
N ARG A 116 5.64 -4.08 -10.30
CA ARG A 116 5.18 -4.04 -8.93
C ARG A 116 4.96 -5.45 -8.37
N THR A 117 4.69 -5.52 -7.07
CA THR A 117 4.24 -6.75 -6.43
C THR A 117 2.79 -7.02 -6.83
N LYS A 118 2.33 -8.26 -6.63
CA LYS A 118 0.89 -8.55 -6.62
C LYS A 118 0.25 -7.78 -5.46
N ALA A 119 -1.08 -7.69 -5.44
CA ALA A 119 -1.78 -7.01 -4.33
C ALA A 119 -1.71 -7.84 -3.06
N MET A 120 -1.29 -7.23 -1.96
CA MET A 120 -1.31 -7.87 -0.65
C MET A 120 -2.61 -7.53 0.07
N VAL A 121 -3.61 -8.37 -0.13
CA VAL A 121 -4.91 -8.22 0.50
C VAL A 121 -4.76 -8.72 1.93
N ALA A 122 -5.04 -7.84 2.88
CA ALA A 122 -4.71 -8.12 4.29
C ALA A 122 -5.84 -7.83 5.27
N CYS A 123 -5.93 -8.68 6.29
CA CYS A 123 -6.82 -8.48 7.43
C CYS A 123 -5.95 -8.25 8.67
N TYR A 124 -6.23 -7.17 9.38
CA TYR A 124 -5.48 -6.80 10.58
C TYR A 124 -6.42 -6.77 11.77
N PRO A 125 -6.53 -7.90 12.51
CA PRO A 125 -7.50 -8.01 13.60
C PRO A 125 -7.21 -7.05 14.76
N GLY A 126 -8.26 -6.63 15.47
CA GLY A 126 -8.15 -5.77 16.65
C GLY A 126 -7.67 -6.57 17.85
N ASN A 127 -6.39 -6.92 17.82
CA ASN A 127 -5.76 -7.69 18.89
C ASN A 127 -5.17 -6.80 19.98
N GLY A 128 -5.26 -5.48 19.80
CA GLY A 128 -4.75 -4.51 20.75
C GLY A 128 -3.26 -4.23 20.59
N LEU A 129 -2.69 -4.69 19.48
CA LEU A 129 -1.27 -4.50 19.19
C LEU A 129 -1.06 -3.58 18.01
N GLY A 130 0.02 -2.79 18.08
CA GLY A 130 0.48 -1.99 16.96
C GLY A 130 1.72 -2.56 16.30
N TYR A 131 2.26 -1.82 15.34
CA TYR A 131 3.49 -2.19 14.65
C TYR A 131 4.50 -1.13 14.97
N VAL A 132 5.68 -1.55 15.44
CA VAL A 132 6.76 -0.62 15.81
C VAL A 132 7.27 0.14 14.60
N ARG A 133 7.86 1.32 14.87
CA ARG A 133 8.54 2.14 13.87
C ARG A 133 9.44 1.30 12.96
N HIS A 134 9.17 1.37 11.66
CA HIS A 134 9.90 0.62 10.65
C HIS A 134 9.94 1.37 9.32
N VAL A 135 10.88 0.96 8.47
CA VAL A 135 11.01 1.40 7.10
C VAL A 135 10.72 0.16 6.24
N ASP A 136 9.80 0.31 5.29
CA ASP A 136 9.41 -0.77 4.38
C ASP A 136 10.59 -1.42 3.66
N ASN A 137 11.44 -0.59 3.06
CA ASN A 137 12.63 -1.03 2.37
C ASN A 137 13.85 -0.35 3.01
N PRO A 138 14.44 -0.99 4.04
CA PRO A 138 15.64 -0.43 4.66
C PRO A 138 16.91 -0.73 3.86
N HIS A 139 16.94 -1.87 3.17
CA HIS A 139 18.20 -2.42 2.65
C HIS A 139 18.26 -2.60 1.14
N GLY A 140 17.62 -1.67 0.42
CA GLY A 140 17.67 -1.60 -1.05
C GLY A 140 17.14 -2.81 -1.80
N ASP A 141 16.01 -3.37 -1.35
CA ASP A 141 15.39 -4.52 -2.01
C ASP A 141 14.70 -4.21 -3.35
N GLY A 142 14.61 -2.93 -3.72
CA GLY A 142 14.07 -2.53 -5.02
C GLY A 142 12.69 -1.90 -5.04
N ARG A 143 11.98 -1.96 -3.91
CA ARG A 143 10.66 -1.37 -3.80
C ARG A 143 10.81 0.11 -3.46
N CYS A 144 10.34 0.98 -4.36
CA CYS A 144 10.47 2.43 -4.18
C CYS A 144 9.21 3.15 -3.66
N ILE A 145 8.03 2.66 -4.02
CA ILE A 145 6.76 3.27 -3.61
C ILE A 145 5.81 2.26 -2.98
N THR A 146 5.31 2.59 -1.79
CA THR A 146 4.25 1.82 -1.12
C THR A 146 2.89 2.47 -1.38
N CYS A 147 1.91 1.66 -1.77
CA CYS A 147 0.52 2.08 -1.86
C CYS A 147 -0.35 1.24 -0.94
N ILE A 148 -1.08 1.91 -0.04
CA ILE A 148 -2.04 1.22 0.84
C ILE A 148 -3.44 1.75 0.58
N TYR A 149 -4.35 0.84 0.22
CA TYR A 149 -5.76 1.17 0.03
C TYR A 149 -6.57 0.61 1.19
N TYR A 150 -7.23 1.50 1.93
CA TYR A 150 -7.95 1.12 3.14
C TYR A 150 -9.44 0.88 2.91
N LEU A 151 -10.03 -0.01 3.70
CA LEU A 151 -11.42 -0.44 3.54
C LEU A 151 -12.32 -0.32 4.78
N ASN A 152 -11.87 0.43 5.79
CA ASN A 152 -12.55 0.48 7.10
C ASN A 152 -13.59 1.60 7.22
N GLN A 153 -14.86 1.23 7.17
CA GLN A 153 -15.98 2.17 7.33
C GLN A 153 -16.25 2.47 8.81
N ASN A 154 -16.83 3.64 9.08
CA ASN A 154 -17.19 4.10 10.46
C ASN A 154 -16.01 4.16 11.44
N TRP A 155 -14.79 4.29 10.92
CA TRP A 155 -13.58 4.20 11.74
C TRP A 155 -13.26 5.49 12.51
N ASP A 156 -13.20 5.36 13.85
CA ASP A 156 -12.83 6.47 14.71
C ASP A 156 -11.56 6.11 15.48
N VAL A 157 -10.47 6.81 15.18
CA VAL A 157 -9.15 6.54 15.79
C VAL A 157 -9.13 6.73 17.30
N LYS A 158 -9.84 7.74 17.81
CA LYS A 158 -9.89 7.99 19.26
C LYS A 158 -10.56 6.86 20.05
N VAL A 159 -11.33 6.02 19.34
CA VAL A 159 -11.97 4.84 19.93
C VAL A 159 -11.28 3.54 19.50
N HIS A 160 -11.14 3.36 18.18
CA HIS A 160 -10.68 2.08 17.63
C HIS A 160 -9.16 2.00 17.38
N GLY A 161 -8.49 3.14 17.49
CA GLY A 161 -7.03 3.22 17.34
C GLY A 161 -6.63 2.98 15.90
N GLY A 162 -5.45 2.38 15.74
CA GLY A 162 -4.96 2.00 14.42
C GLY A 162 -4.50 3.15 13.54
N LEU A 163 -4.16 4.28 14.15
CA LEU A 163 -3.62 5.42 13.42
C LEU A 163 -2.23 5.11 12.87
N LEU A 164 -2.03 5.38 11.58
CA LEU A 164 -0.72 5.38 10.98
C LEU A 164 -0.05 6.74 11.17
N GLN A 165 1.21 6.71 11.60
CA GLN A 165 2.00 7.92 11.72
C GLN A 165 3.26 7.73 10.90
N ILE A 166 3.46 8.61 9.93
CA ILE A 166 4.68 8.63 9.13
C ILE A 166 5.47 9.87 9.52
N PHE A 167 6.80 9.70 9.67
CA PHE A 167 7.71 10.78 10.05
C PHE A 167 8.70 11.06 8.89
N PRO A 168 8.29 11.88 7.89
CA PRO A 168 9.12 12.08 6.69
C PRO A 168 10.43 12.81 6.97
N GLU A 169 11.53 12.30 6.43
CA GLU A 169 12.86 12.85 6.75
C GLU A 169 13.14 14.20 6.07
N GLY A 170 12.47 14.44 4.94
CA GLY A 170 12.59 15.71 4.23
C GLY A 170 11.92 16.88 4.92
N ARG A 171 10.74 16.64 5.51
CA ARG A 171 9.90 17.69 6.06
C ARG A 171 9.61 17.50 7.55
N PRO A 172 9.84 18.55 8.38
CA PRO A 172 9.62 18.52 9.83
C PRO A 172 8.13 18.46 10.23
N VAL A 173 7.48 17.34 9.89
CA VAL A 173 6.05 17.16 10.14
C VAL A 173 5.72 15.70 10.53
N VAL A 174 4.54 15.51 11.10
CA VAL A 174 3.94 14.19 11.27
C VAL A 174 2.78 14.05 10.29
N ALA A 175 2.75 12.92 9.59
CA ALA A 175 1.59 12.55 8.79
C ALA A 175 0.76 11.54 9.57
N ASN A 176 -0.34 12.02 10.14
CA ASN A 176 -1.29 11.19 10.87
C ASN A 176 -2.35 10.73 9.89
N ILE A 177 -2.31 9.44 9.56
CA ILE A 177 -3.21 8.88 8.55
C ILE A 177 -4.15 7.88 9.18
N GLU A 178 -5.43 8.26 9.21
CA GLU A 178 -6.51 7.41 9.65
C GLU A 178 -6.76 6.35 8.59
N PRO A 179 -7.01 5.10 9.01
CA PRO A 179 -7.16 4.02 8.02
C PRO A 179 -8.58 3.97 7.43
N LEU A 180 -8.98 5.06 6.77
CA LEU A 180 -10.37 5.26 6.34
C LEU A 180 -10.73 4.53 5.03
N PHE A 181 -11.94 3.99 4.97
CA PHE A 181 -12.48 3.37 3.75
C PHE A 181 -12.31 4.25 2.51
N ASP A 182 -11.84 3.64 1.43
CA ASP A 182 -11.70 4.31 0.11
C ASP A 182 -10.61 5.40 0.11
N ARG A 183 -9.63 5.25 0.99
CA ARG A 183 -8.49 6.14 1.02
C ARG A 183 -7.29 5.44 0.43
N LEU A 184 -6.65 6.11 -0.54
CA LEU A 184 -5.38 5.66 -1.09
C LEU A 184 -4.26 6.45 -0.45
N LEU A 185 -3.27 5.72 0.07
CA LEU A 185 -2.06 6.31 0.59
C LEU A 185 -0.86 5.89 -0.25
N ILE A 186 -0.06 6.87 -0.66
CA ILE A 186 1.14 6.65 -1.50
C ILE A 186 2.32 7.31 -0.78
N PHE A 187 3.42 6.56 -0.61
CA PHE A 187 4.66 7.09 -0.02
C PHE A 187 5.93 6.33 -0.43
N TRP A 188 7.08 7.02 -0.37
CA TRP A 188 8.38 6.39 -0.60
C TRP A 188 8.63 5.30 0.43
N SER A 189 9.05 4.14 -0.04
CA SER A 189 9.25 2.94 0.79
C SER A 189 10.57 2.90 1.57
N ASP A 190 11.51 3.78 1.23
CA ASP A 190 12.85 3.77 1.85
C ASP A 190 12.93 4.62 3.12
N ARG A 191 14.16 4.79 3.64
CA ARG A 191 14.49 5.61 4.81
C ARG A 191 13.67 6.88 5.03
N ARG A 192 13.25 7.50 3.93
CA ARG A 192 12.55 8.79 3.97
C ARG A 192 11.25 8.75 4.76
N ASN A 193 10.59 7.60 4.75
CA ASN A 193 9.30 7.45 5.42
C ASN A 193 9.26 6.32 6.47
N PRO A 194 9.94 6.53 7.63
CA PRO A 194 9.71 5.60 8.73
C PRO A 194 8.36 5.88 9.36
N HIS A 195 7.72 4.81 9.82
CA HIS A 195 6.33 4.87 10.27
C HIS A 195 5.98 3.77 11.25
N GLU A 196 4.93 3.99 12.02
CA GLU A 196 4.41 3.01 12.94
C GLU A 196 2.89 3.02 12.92
N VAL A 197 2.29 1.86 13.13
CA VAL A 197 0.84 1.76 13.26
C VAL A 197 0.53 1.60 14.74
N LYS A 198 -0.30 2.50 15.26
CA LYS A 198 -0.77 2.45 16.64
C LYS A 198 -1.63 1.22 16.91
N PRO A 199 -1.72 0.77 18.19
CA PRO A 199 -2.65 -0.32 18.56
C PRO A 199 -4.06 -0.06 18.04
N ALA A 200 -4.72 -1.13 17.59
CA ALA A 200 -6.11 -1.06 17.15
C ALA A 200 -7.00 -2.08 17.84
N TYR A 201 -8.29 -1.72 17.96
CA TYR A 201 -9.23 -2.47 18.78
C TYR A 201 -10.46 -2.96 17.98
N ALA A 202 -10.31 -2.98 16.66
CA ALA A 202 -11.28 -3.60 15.74
C ALA A 202 -10.59 -4.11 14.49
N THR A 203 -11.24 -5.06 13.81
CA THR A 203 -10.71 -5.68 12.59
C THR A 203 -10.62 -4.65 11.46
N ARG A 204 -9.48 -4.68 10.76
CA ARG A 204 -9.23 -3.83 9.60
C ARG A 204 -8.88 -4.62 8.36
N TYR A 205 -9.19 -4.04 7.20
CA TYR A 205 -8.77 -4.56 5.91
C TYR A 205 -8.08 -3.46 5.11
N ALA A 206 -7.02 -3.86 4.41
CA ALA A 206 -6.30 -2.96 3.51
C ALA A 206 -5.63 -3.78 2.44
N ILE A 207 -5.40 -3.15 1.29
CA ILE A 207 -4.68 -3.76 0.18
C ILE A 207 -3.42 -2.93 -0.07
N THR A 208 -2.27 -3.61 -0.14
CA THR A 208 -0.98 -2.96 -0.34
C THR A 208 -0.30 -3.48 -1.59
N VAL A 209 0.17 -2.56 -2.43
CA VAL A 209 1.12 -2.87 -3.51
C VAL A 209 2.38 -2.06 -3.33
N TRP A 210 3.50 -2.65 -3.72
CA TRP A 210 4.78 -1.96 -3.76
C TRP A 210 5.27 -1.90 -5.19
N TYR A 211 5.66 -0.70 -5.63
CA TYR A 211 6.22 -0.52 -6.97
C TYR A 211 7.75 -0.60 -6.94
N PHE A 212 8.30 -1.34 -7.91
CA PHE A 212 9.76 -1.52 -8.02
C PHE A 212 10.42 -0.45 -8.86
N ASP A 213 11.60 0.00 -8.41
CA ASP A 213 12.51 0.75 -9.28
C ASP A 213 13.34 -0.26 -10.05
N ALA A 214 13.34 -0.11 -11.38
CA ALA A 214 14.00 -1.06 -12.27
C ALA A 214 15.46 -1.32 -11.90
N ASP A 215 16.20 -0.23 -11.68
CA ASP A 215 17.65 -0.29 -11.46
C ASP A 215 18.01 -0.84 -10.09
N GLU A 216 17.26 -0.40 -9.07
CA GLU A 216 17.46 -0.86 -7.71
C GLU A 216 17.13 -2.34 -7.53
N ARG A 217 16.05 -2.80 -8.17
CA ARG A 217 15.66 -4.21 -8.08
C ARG A 217 16.57 -5.12 -8.90
N ALA A 218 17.17 -4.55 -9.95
CA ALA A 218 18.20 -5.23 -10.73
C ALA A 218 19.45 -5.48 -9.88
N ARG A 219 19.89 -4.46 -9.15
CA ARG A 219 21.04 -4.57 -8.23
C ARG A 219 20.76 -5.56 -7.11
N ALA A 220 19.58 -5.44 -6.48
CA ALA A 220 19.13 -6.35 -5.43
C ALA A 220 19.11 -7.82 -5.86
N LYS A 221 18.55 -8.08 -7.05
CA LYS A 221 18.53 -9.43 -7.64
C LYS A 221 19.93 -9.93 -7.99
N ASP A 222 20.81 -8.99 -8.38
CA ASP A 222 22.22 -9.27 -8.69
C ASP A 222 22.99 -9.77 -7.46
N LYS A 223 22.64 -9.26 -6.28
CA LYS A 223 22.98 -9.89 -5.00
C LYS A 223 21.99 -11.04 -4.78
N TYR A 224 21.48 -11.16 -3.57
CA TYR A 224 20.09 -11.59 -3.35
C TYR A 224 19.54 -10.83 -2.14
N GLN A 225 19.51 -9.51 -2.31
CA GLN A 225 18.99 -8.58 -1.32
C GLN A 225 17.54 -8.17 -1.58
N LEU A 226 16.88 -8.90 -2.49
CA LEU A 226 15.43 -8.80 -2.70
C LEU A 226 14.67 -9.32 -1.49
N ALA A 227 13.49 -8.75 -1.25
CA ALA A 227 12.61 -9.20 -0.18
C ALA A 227 12.18 -10.65 -0.41
N SER A 228 11.99 -11.37 0.69
CA SER A 228 11.58 -12.76 0.63
C SER A 228 10.09 -12.89 0.28
N GLY A 229 9.74 -14.02 -0.32
CA GLY A 229 8.38 -14.31 -0.74
C GLY A 229 7.89 -13.44 -1.89
N GLN A 230 6.59 -13.18 -1.90
CA GLN A 230 5.92 -12.40 -2.94
C GLN A 230 6.26 -10.91 -2.88
N LYS A 231 6.78 -10.48 -1.74
CA LYS A 231 7.21 -9.09 -1.54
C LYS A 231 8.43 -8.76 -2.42
N GLY A 232 9.03 -9.79 -3.01
CA GLY A 232 10.14 -9.62 -3.95
C GLY A 232 9.89 -10.11 -5.36
N VAL A 233 8.64 -10.51 -5.64
CA VAL A 233 8.25 -11.03 -6.95
C VAL A 233 7.61 -9.91 -7.79
N GLN A 234 8.19 -9.66 -8.97
CA GLN A 234 7.75 -8.59 -9.87
C GLN A 234 6.66 -9.04 -10.83
N VAL A 235 5.73 -8.12 -11.09
CA VAL A 235 4.61 -8.29 -12.01
C VAL A 235 4.46 -6.93 -12.73
N PRO A 236 4.18 -6.93 -14.06
CA PRO A 236 4.11 -5.64 -14.78
C PRO A 236 2.97 -4.71 -14.36
N VAL A 237 3.19 -3.41 -14.53
CA VAL A 237 2.17 -2.35 -14.33
C VAL A 237 1.18 -2.34 -15.52
N SER A 238 -0.12 -2.25 -15.22
CA SER A 238 -1.20 -2.24 -16.24
C SER A 238 -1.14 -1.03 -17.15
N GLN A 239 -1.57 -1.23 -18.39
CA GLN A 239 -1.77 -0.16 -19.38
C GLN A 239 -3.28 0.15 -19.53
N PRO A 240 -3.66 1.36 -20.03
CA PRO A 240 -5.04 1.90 -19.96
C PRO A 240 -6.21 0.91 -20.17
#